data_4R4I
#
_entry.id   4R4I
#
_cell.length_a   38.092
_cell.length_b   53.545
_cell.length_c   53.998
_cell.angle_alpha   90.00
_cell.angle_beta   90.00
_cell.angle_gamma   90.00
#
_symmetry.space_group_name_H-M   'P 21 21 21'
#
loop_
_entity.id
_entity.type
_entity.pdbx_description
1 polymer 'Replication protein A 70 kDa DNA-binding subunit'
2 non-polymer '5-(4-{[6-(5-carboxyfuran-2-yl)-1-thioxo-3,4-dihydroisoquinolin-2(1H)-yl]methyl}phenyl)-1-(3,4-dichlorophenyl)-1H-pyrazole-3-carboxylic acid'
3 water water
#
_entity_poly.entity_id   1
_entity_poly.type   'polypeptide(L)'
_entity_poly.pdbx_seq_one_letter_code
;GSHMVGQLSRGAIAAIMQKGDTNIKPILQVINIRPITTGNSPPRYRLLMSDGLNTLSSFMLATQLNPLVEEEQLSSNCVC
QIHRFIVNTLKDGRRVVILMELEVLKSAEAVGVKIGNPVPYNE
;
_entity_poly.pdbx_strand_id   A
#
loop_
_chem_comp.id
_chem_comp.type
_chem_comp.name
_chem_comp.formula
3HV non-polymer '5-(4-{[6-(5-carboxyfuran-2-yl)-1-thioxo-3,4-dihydroisoquinolin-2(1H)-yl]methyl}phenyl)-1-(3,4-dichlorophenyl)-1H-pyrazole-3-carboxylic acid' 'C31 H21 Cl2 N3 O5 S'
#
# COMPACT_ATOMS: atom_id res chain seq x y z
N GLY A 1 13.80 -2.10 14.46
CA GLY A 1 14.14 -2.22 15.91
C GLY A 1 12.93 -2.53 16.76
N SER A 2 13.14 -2.54 18.07
CA SER A 2 12.10 -2.91 19.01
C SER A 2 10.86 -2.06 18.79
N HIS A 3 9.71 -2.58 19.23
CA HIS A 3 8.44 -1.91 19.01
C HIS A 3 8.22 -1.74 17.49
N MET A 4 8.28 -2.82 16.73
CA MET A 4 8.20 -2.76 15.26
CA MET A 4 8.24 -2.70 15.27
C MET A 4 6.97 -2.02 14.77
N VAL A 5 5.85 -2.16 15.45
CA VAL A 5 4.63 -1.51 14.99
C VAL A 5 4.74 0.01 15.05
N GLY A 6 5.68 0.52 15.84
CA GLY A 6 5.93 1.94 15.89
C GLY A 6 6.55 2.48 14.61
N GLN A 7 7.00 1.59 13.73
CA GLN A 7 7.52 2.01 12.43
C GLN A 7 6.42 2.38 11.42
N LEU A 8 5.17 2.03 11.72
CA LEU A 8 4.06 2.19 10.77
C LEU A 8 3.11 3.27 11.22
N SER A 9 2.46 3.93 10.28
CA SER A 9 1.50 5.00 10.58
C SER A 9 0.13 4.49 11.06
N ARG A 10 0.12 3.98 12.29
CA ARG A 10 -1.10 3.43 12.86
C ARG A 10 -2.23 4.42 12.80
N GLY A 11 -3.33 4.00 12.20
CA GLY A 11 -4.53 4.82 12.02
C GLY A 11 -4.62 5.48 10.67
N ALA A 12 -3.57 5.44 9.85
CA ALA A 12 -3.65 6.01 8.53
C ALA A 12 -4.68 5.39 7.63
N ILE A 13 -4.87 4.08 7.70
CA ILE A 13 -5.88 3.45 6.85
C ILE A 13 -7.28 4.03 7.13
N ALA A 14 -7.63 4.11 8.39
CA ALA A 14 -8.95 4.68 8.75
C ALA A 14 -9.04 6.15 8.30
N ALA A 15 -7.96 6.89 8.40
CA ALA A 15 -7.96 8.29 8.00
C ALA A 15 -8.15 8.42 6.51
N ILE A 16 -7.49 7.56 5.73
CA ILE A 16 -7.64 7.59 4.29
C ILE A 16 -9.06 7.26 3.88
N MET A 17 -9.70 6.35 4.60
CA MET A 17 -11.02 5.93 4.13
CA MET A 17 -11.04 5.84 4.30
C MET A 17 -12.15 6.71 4.87
N GLN A 18 -11.92 7.24 6.08
CA GLN A 18 -12.94 8.02 6.80
C GLN A 18 -12.89 9.54 6.51
N LYS A 19 -11.70 10.09 6.30
CA LYS A 19 -11.52 11.54 6.08
C LYS A 19 -11.07 11.87 4.67
N GLY A 20 -10.23 11.02 4.09
CA GLY A 20 -9.82 11.19 2.71
C GLY A 20 -8.87 12.35 2.44
N ASP A 21 -8.25 12.90 3.47
CA ASP A 21 -7.26 13.96 3.27
C ASP A 21 -6.00 13.31 2.73
N THR A 22 -5.50 13.89 1.64
CA THR A 22 -4.37 13.33 0.92
C THR A 22 -3.05 14.00 1.28
N ASN A 23 -3.07 14.88 2.29
CA ASN A 23 -1.86 15.60 2.66
C ASN A 23 -0.89 14.75 3.51
N ILE A 24 -1.41 13.68 4.11
CA ILE A 24 -0.58 12.80 4.92
C ILE A 24 0.37 12.00 4.01
N LYS A 25 1.48 11.61 4.59
CA LYS A 25 2.51 10.76 3.90
C LYS A 25 2.76 9.51 4.71
N PRO A 26 1.78 8.61 4.80
CA PRO A 26 1.82 7.53 5.77
C PRO A 26 2.84 6.48 5.39
N ILE A 27 3.36 5.85 6.43
CA ILE A 27 4.28 4.73 6.28
C ILE A 27 3.51 3.43 6.52
N LEU A 28 3.48 2.57 5.51
CA LEU A 28 2.67 1.36 5.49
C LEU A 28 3.55 0.17 5.14
N GLN A 29 3.12 -1.02 5.50
CA GLN A 29 3.79 -2.24 5.10
C GLN A 29 3.01 -2.96 4.01
N VAL A 30 3.72 -3.44 2.99
CA VAL A 30 3.12 -4.30 1.97
C VAL A 30 2.97 -5.67 2.57
N ILE A 31 1.77 -6.22 2.54
CA ILE A 31 1.52 -7.59 2.97
C ILE A 31 1.49 -8.53 1.77
N ASN A 32 0.86 -8.13 0.67
CA ASN A 32 0.83 -8.94 -0.53
C ASN A 32 0.63 -8.05 -1.73
N ILE A 33 1.07 -8.50 -2.91
CA ILE A 33 0.89 -7.81 -4.17
C ILE A 33 0.47 -8.87 -5.17
N ARG A 34 -0.54 -8.57 -5.98
CA ARG A 34 -0.86 -9.47 -7.09
C ARG A 34 -1.34 -8.70 -8.29
N PRO A 35 -1.13 -9.23 -9.48
CA PRO A 35 -1.69 -8.58 -10.64
C PRO A 35 -3.20 -8.72 -10.69
N ILE A 36 -3.89 -7.75 -11.30
CA ILE A 36 -5.31 -7.91 -11.54
C ILE A 36 -5.48 -8.25 -13.00
N THR A 37 -6.66 -8.74 -13.33
CA THR A 37 -6.94 -9.07 -14.72
C THR A 37 -7.09 -7.81 -15.57
N THR A 38 -6.25 -7.70 -16.59
CA THR A 38 -6.21 -6.50 -17.45
C THR A 38 -6.38 -6.79 -18.94
N GLY A 39 -6.10 -8.02 -19.35
CA GLY A 39 -6.34 -8.43 -20.73
C GLY A 39 -5.40 -7.80 -21.75
N ASN A 40 -5.62 -6.52 -22.06
CA ASN A 40 -4.94 -5.87 -23.18
C ASN A 40 -4.40 -4.47 -22.90
N SER A 41 -4.00 -4.21 -21.66
CA SER A 41 -3.38 -2.94 -21.27
C SER A 41 -2.11 -3.24 -20.48
N PRO A 42 -1.41 -2.18 -20.01
CA PRO A 42 -0.30 -2.50 -19.10
C PRO A 42 -0.79 -3.31 -17.90
N PRO A 43 0.05 -4.21 -17.34
CA PRO A 43 -0.41 -4.90 -16.13
C PRO A 43 -0.68 -3.89 -15.04
N ARG A 44 -1.55 -4.26 -14.11
CA ARG A 44 -1.91 -3.43 -12.98
C ARG A 44 -1.79 -4.29 -11.72
N TYR A 45 -1.24 -3.72 -10.66
CA TYR A 45 -1.03 -4.44 -9.42
C TYR A 45 -1.92 -3.93 -8.29
N ARG A 46 -2.54 -4.86 -7.59
CA ARG A 46 -3.30 -4.62 -6.38
C ARG A 46 -2.45 -4.97 -5.16
N LEU A 47 -2.56 -4.18 -4.10
CA LEU A 47 -1.78 -4.40 -2.89
C LEU A 47 -2.67 -4.52 -1.67
N LEU A 48 -2.34 -5.48 -0.83
CA LEU A 48 -2.82 -5.56 0.54
C LEU A 48 -1.81 -4.89 1.42
N MET A 49 -2.16 -3.75 2.03
CA MET A 49 -1.19 -3.06 2.88
CA MET A 49 -1.27 -2.90 2.83
C MET A 49 -1.70 -2.93 4.28
N SER A 50 -0.79 -2.63 5.19
CA SER A 50 -1.01 -2.57 6.62
C SER A 50 -0.46 -1.29 7.22
N ASP A 51 -1.20 -0.71 8.15
CA ASP A 51 -0.71 0.40 8.96
C ASP A 51 -0.39 -0.05 10.36
N GLY A 52 -0.32 -1.36 10.60
CA GLY A 52 -0.08 -1.87 11.95
C GLY A 52 -1.35 -2.20 12.73
N LEU A 53 -2.44 -1.51 12.46
CA LEU A 53 -3.73 -1.78 13.12
C LEU A 53 -4.69 -2.48 12.19
N ASN A 54 -4.73 -2.00 10.95
CA ASN A 54 -5.60 -2.53 9.93
C ASN A 54 -4.83 -2.96 8.69
N THR A 55 -5.40 -3.88 7.93
CA THR A 55 -5.04 -4.10 6.54
C THR A 55 -6.15 -3.59 5.67
N LEU A 56 -5.82 -3.32 4.41
CA LEU A 56 -6.75 -2.85 3.41
C LEU A 56 -6.26 -3.38 2.07
N SER A 57 -7.17 -3.98 1.30
CA SER A 57 -6.86 -4.62 0.02
C SER A 57 -7.21 -3.79 -1.21
N SER A 58 -7.68 -2.57 -0.99
CA SER A 58 -8.14 -1.77 -2.12
CA SER A 58 -8.16 -1.65 -2.01
C SER A 58 -7.11 -0.77 -2.67
N PHE A 59 -5.84 -1.05 -2.47
CA PHE A 59 -4.77 -0.25 -3.05
C PHE A 59 -4.41 -0.77 -4.44
N MET A 60 -4.22 0.16 -5.36
CA MET A 60 -3.70 -0.16 -6.67
CA MET A 60 -3.73 -0.11 -6.69
C MET A 60 -2.49 0.72 -6.97
N LEU A 61 -1.51 0.15 -7.62
CA LEU A 61 -0.35 0.91 -8.01
C LEU A 61 -0.56 1.65 -9.32
N ALA A 62 -0.21 2.93 -9.37
CA ALA A 62 -0.18 3.62 -10.65
C ALA A 62 0.77 2.88 -11.57
N THR A 63 0.43 2.78 -12.86
CA THR A 63 1.25 1.99 -13.75
C THR A 63 2.69 2.52 -13.90
N GLN A 64 2.87 3.81 -13.65
CA GLN A 64 4.23 4.38 -13.71
C GLN A 64 5.14 3.77 -12.63
N LEU A 65 4.55 3.14 -11.62
CA LEU A 65 5.35 2.48 -10.57
C LEU A 65 5.55 0.99 -10.81
N ASN A 66 4.99 0.43 -11.88
CA ASN A 66 5.20 -0.99 -12.15
C ASN A 66 6.65 -1.49 -12.07
N PRO A 67 7.64 -0.69 -12.52
CA PRO A 67 9.01 -1.20 -12.42
C PRO A 67 9.45 -1.54 -11.00
N LEU A 68 8.84 -0.90 -10.00
CA LEU A 68 9.22 -1.24 -8.62
C LEU A 68 8.88 -2.68 -8.30
N VAL A 69 7.76 -3.13 -8.82
CA VAL A 69 7.31 -4.51 -8.62
C VAL A 69 8.09 -5.45 -9.51
N GLU A 70 8.24 -5.07 -10.77
CA GLU A 70 8.82 -5.95 -11.77
C GLU A 70 10.32 -6.15 -11.59
N GLU A 71 10.95 -5.25 -10.81
N GLU A 71 11.00 -5.05 -11.23
CA GLU A 71 12.36 -5.41 -10.44
CA GLU A 71 12.46 -5.00 -11.30
C GLU A 71 12.55 -5.76 -8.95
C GLU A 71 13.15 -4.75 -9.97
N GLU A 72 11.45 -6.07 -8.28
N GLU A 72 12.48 -4.08 -9.03
CA GLU A 72 11.44 -6.75 -6.97
CA GLU A 72 13.17 -3.52 -7.87
C GLU A 72 11.93 -5.87 -5.85
C GLU A 72 12.43 -3.64 -6.55
N GLN A 73 11.82 -4.56 -6.03
N GLN A 73 12.01 -4.86 -6.24
CA GLN A 73 12.17 -3.62 -4.97
CA GLN A 73 11.82 -5.24 -4.85
C GLN A 73 10.96 -3.45 -4.06
C GLN A 73 10.63 -4.69 -4.07
N LEU A 74 9.79 -3.79 -4.59
CA LEU A 74 8.52 -3.59 -3.91
C LEU A 74 7.89 -4.99 -3.87
N SER A 75 7.90 -5.61 -2.70
CA SER A 75 7.36 -6.94 -2.48
C SER A 75 6.86 -7.13 -1.05
N SER A 76 6.25 -8.28 -0.78
CA SER A 76 5.68 -8.58 0.51
CA SER A 76 5.68 -8.58 0.53
C SER A 76 6.70 -8.39 1.62
N ASN A 77 6.30 -7.65 2.65
CA ASN A 77 7.01 -7.33 3.87
C ASN A 77 7.74 -6.01 3.81
N CYS A 78 7.94 -5.42 2.64
CA CYS A 78 8.66 -4.15 2.66
CA CYS A 78 8.57 -4.10 2.50
C CYS A 78 7.83 -3.04 3.29
N VAL A 79 8.54 -2.03 3.80
CA VAL A 79 7.91 -0.89 4.43
C VAL A 79 8.13 0.31 3.54
N CYS A 80 7.05 1.03 3.24
CA CYS A 80 7.15 2.17 2.34
CA CYS A 80 7.02 2.12 2.27
C CYS A 80 6.41 3.39 2.81
N GLN A 81 6.90 4.53 2.37
CA GLN A 81 6.25 5.79 2.65
C GLN A 81 5.48 6.21 1.42
N ILE A 82 4.18 6.50 1.56
CA ILE A 82 3.36 6.97 0.46
C ILE A 82 3.49 8.51 0.34
N HIS A 83 4.05 8.97 -0.76
CA HIS A 83 4.26 10.42 -0.98
C HIS A 83 3.14 11.07 -1.75
N ARG A 84 2.39 10.31 -2.53
CA ARG A 84 1.25 10.87 -3.26
C ARG A 84 0.27 9.75 -3.55
N PHE A 85 -1.00 9.96 -3.20
CA PHE A 85 -2.06 9.03 -3.53
C PHE A 85 -3.35 9.78 -3.84
N ILE A 86 -4.25 9.08 -4.49
CA ILE A 86 -5.60 9.62 -4.56
C ILE A 86 -6.58 8.52 -4.29
N VAL A 87 -7.77 8.92 -3.87
CA VAL A 87 -8.84 7.99 -3.65
C VAL A 87 -9.84 8.17 -4.79
N ASN A 88 -10.29 7.05 -5.35
CA ASN A 88 -11.38 7.05 -6.32
CA ASN A 88 -11.34 6.99 -6.36
C ASN A 88 -12.50 6.16 -5.83
N THR A 89 -13.70 6.50 -6.18
CA THR A 89 -14.90 5.79 -5.73
C THR A 89 -15.63 5.25 -6.95
N LEU A 90 -15.88 3.95 -6.93
CA LEU A 90 -16.56 3.27 -8.00
C LEU A 90 -18.06 3.55 -7.96
N LYS A 91 -18.73 3.24 -9.07
CA LYS A 91 -20.16 3.42 -9.17
C LYS A 91 -20.90 2.71 -8.05
N ASP A 92 -20.40 1.55 -7.63
CA ASP A 92 -21.07 0.78 -6.61
C ASP A 92 -20.78 1.22 -5.19
N GLY A 93 -19.91 2.22 -5.04
CA GLY A 93 -19.59 2.76 -3.72
C GLY A 93 -18.27 2.37 -3.10
N ARG A 94 -17.65 1.33 -3.65
CA ARG A 94 -16.34 0.93 -3.12
C ARG A 94 -15.27 1.95 -3.46
N ARG A 95 -14.29 2.04 -2.59
CA ARG A 95 -13.18 2.96 -2.80
C ARG A 95 -11.91 2.24 -3.10
N VAL A 96 -11.16 2.83 -4.01
CA VAL A 96 -9.86 2.36 -4.48
CA VAL A 96 -9.84 2.33 -4.33
C VAL A 96 -8.83 3.44 -4.16
N VAL A 97 -7.68 3.05 -3.64
CA VAL A 97 -6.63 4.03 -3.27
C VAL A 97 -5.54 3.83 -4.28
N ILE A 98 -5.27 4.82 -5.11
CA ILE A 98 -4.25 4.74 -6.15
CA ILE A 98 -4.23 4.69 -6.14
C ILE A 98 -2.94 5.35 -5.66
N LEU A 99 -1.88 4.52 -5.61
CA LEU A 99 -0.59 4.96 -5.12
C LEU A 99 0.21 5.52 -6.28
N MET A 100 0.53 6.81 -6.21
CA MET A 100 1.17 7.51 -7.31
CA MET A 100 1.17 7.51 -7.32
C MET A 100 2.67 7.68 -7.15
N GLU A 101 3.09 7.94 -5.91
CA GLU A 101 4.51 8.06 -5.57
CA GLU A 101 4.49 8.08 -5.57
C GLU A 101 4.71 7.38 -4.24
N LEU A 102 5.73 6.55 -4.19
CA LEU A 102 6.11 5.96 -2.92
C LEU A 102 7.58 5.62 -2.88
N GLU A 103 8.04 5.56 -1.67
CA GLU A 103 9.44 5.26 -1.39
CA GLU A 103 9.44 5.28 -1.38
C GLU A 103 9.53 4.03 -0.52
N VAL A 104 10.40 3.11 -0.90
CA VAL A 104 10.67 1.92 -0.08
C VAL A 104 11.66 2.31 0.99
N LEU A 105 11.26 2.35 2.24
CA LEU A 105 12.12 2.68 3.37
C LEU A 105 12.95 1.50 3.82
N LYS A 106 12.37 0.31 3.84
CA LYS A 106 13.07 -0.91 4.20
C LYS A 106 12.63 -2.00 3.28
N SER A 107 13.59 -2.68 2.68
CA SER A 107 13.30 -3.81 1.82
C SER A 107 12.64 -4.95 2.56
N ALA A 108 11.95 -5.80 1.81
CA ALA A 108 11.32 -6.99 2.36
C ALA A 108 12.31 -7.82 3.16
N GLU A 109 13.54 -7.96 2.64
CA GLU A 109 14.51 -8.85 3.26
C GLU A 109 15.02 -8.28 4.57
N ALA A 110 14.97 -6.95 4.72
CA ALA A 110 15.39 -6.24 5.93
C ALA A 110 14.34 -6.17 7.04
N VAL A 111 13.10 -6.50 6.70
CA VAL A 111 11.99 -6.51 7.65
C VAL A 111 11.58 -7.94 7.97
N GLY A 112 11.16 -8.67 6.95
CA GLY A 112 11.09 -10.12 7.02
C GLY A 112 9.85 -10.77 7.59
N VAL A 113 8.96 -9.99 8.18
CA VAL A 113 7.76 -10.49 8.84
C VAL A 113 6.66 -9.44 8.71
N LYS A 114 5.39 -9.88 8.80
CA LYS A 114 4.25 -9.00 8.93
C LYS A 114 4.31 -8.40 10.33
N ILE A 115 4.40 -7.08 10.40
CA ILE A 115 4.50 -6.35 11.65
C ILE A 115 3.14 -6.27 12.37
N GLY A 116 3.15 -6.55 13.66
CA GLY A 116 1.92 -6.52 14.44
C GLY A 116 0.93 -7.60 14.09
N ASN A 117 -0.34 -7.33 14.44
CA ASN A 117 -1.45 -8.22 14.10
C ASN A 117 -2.60 -7.42 13.54
N PRO A 118 -2.40 -6.81 12.38
CA PRO A 118 -3.41 -5.94 11.80
C PRO A 118 -4.63 -6.74 11.40
N VAL A 119 -5.82 -6.12 11.48
CA VAL A 119 -7.06 -6.79 11.09
C VAL A 119 -7.70 -6.08 9.92
N PRO A 120 -8.49 -6.78 9.13
CA PRO A 120 -9.09 -6.11 7.96
C PRO A 120 -9.97 -4.90 8.30
N TYR A 121 -9.80 -3.83 7.55
CA TYR A 121 -10.62 -2.64 7.70
C TYR A 121 -11.93 -2.92 7.03
N ASN A 122 -13.02 -2.57 7.73
CA ASN A 122 -14.36 -2.80 7.23
C ASN A 122 -14.94 -1.52 6.64
N GLU A 123 -15.14 -1.52 5.33
CA GLU A 123 -15.86 -0.45 4.60
C GLU A 123 -15.58 0.95 5.12
C10 3HV B . -3.45 5.72 -12.76
C15 3HV B . -7.79 5.14 -11.23
C17 3HV B . -8.20 1.31 -12.98
C20 3HV B . -11.61 0.30 -11.91
C21 3HV B . -11.27 -1.10 -11.46
C22 3HV B . -10.86 -1.28 -10.17
C24 3HV B . -11.36 -2.18 -12.34
C26 3HV B . -10.62 -3.68 -10.59
C28 3HV B . -9.92 -6.18 -10.96
S01 3HV B . -11.48 3.07 -10.55
C02 3HV B . -10.28 2.37 -11.47
C03 3HV B . -9.10 3.12 -11.64
C04 3HV B . -8.05 2.60 -12.38
C05 3HV B . -6.87 3.34 -12.56
C06 3HV B . -6.75 4.60 -11.98
C07 3HV B . -5.47 5.39 -12.18
C08 3HV B . -5.23 6.74 -11.89
C09 3HV B . -3.86 6.97 -12.28
C11 3HV B . -2.13 5.33 -13.29
O12 3HV B . -1.22 6.18 -13.49
O13 3HV B . -1.98 4.11 -13.52
O14 3HV B . -4.40 4.84 -12.66
C16 3HV B . -8.95 4.40 -11.05
C18 3HV B . -9.40 0.63 -12.77
N19 3HV B . -10.41 1.13 -12.03
C23 3HV B . -10.54 -2.56 -9.74
C25 3HV B . -11.04 -3.47 -11.91
C27 3HV B . -10.27 -5.07 -10.13
C29 3HV B . -9.66 -7.27 -10.07
C30 3HV B . -9.26 -8.67 -10.42
O31 3HV B . -9.11 -9.51 -9.50
O32 3HV B . -9.06 -9.02 -11.62
N33 3HV B . -9.84 -6.81 -8.84
N34 3HV B . -10.20 -5.55 -8.88
C35 3HV B . -10.47 -4.75 -7.70
C36 3HV B . -11.74 -4.74 -7.14
C37 3HV B . -11.98 -3.95 -6.02
C38 3HV B . -10.97 -3.19 -5.47
CL3 3HV B . -11.35 -2.26 -4.08
C40 3HV B . -9.70 -3.19 -6.05
CL4 3HV B . -8.35 -2.28 -5.46
C42 3HV B . -9.47 -3.99 -7.15
H151 3HV B . -7.69 6.01 -10.83
H171 3HV B . -7.49 0.92 -13.51
H202 3HV B . -12.28 0.68 -11.33
H201 3HV B . -12.01 0.23 -12.81
H221 3HV B . -10.79 -0.53 -9.56
H241 3HV B . -11.65 -2.04 -13.25
H281 3HV B . -9.86 -6.19 -11.93
H051 3HV B . -6.14 2.98 -13.09
H081 3HV B . -5.86 7.38 -11.51
H091 3HV B . -3.35 7.80 -12.21
H161 3HV B . -9.67 4.79 -10.52
H181 3HV B . -9.50 -0.25 -13.16
H231 3HV B . -10.25 -2.68 -8.83
H251 3HV B . -11.10 -4.21 -12.51
H361 3HV B . -12.45 -5.28 -7.51
H371 3HV B . -12.87 -3.96 -5.61
H421 3HV B . -8.59 -3.99 -7.57
#